data_5J42
#
_entry.id   5J42
#
_cell.length_a   61.054
_cell.length_b   42.872
_cell.length_c   109.054
_cell.angle_alpha   90.00
_cell.angle_beta   94.05
_cell.angle_gamma   90.00
#
_symmetry.space_group_name_H-M   'P 1 21 1'
#
loop_
_entity.id
_entity.type
_entity.pdbx_description
1 polymer 'Tyrosyl-DNA phosphodiesterase 2'
2 non-polymer 10-(4-hydroxyphenyl)-2,4-dioxo-2,3,4,10-tetrahydropyrimido[4,5-b]quinoline-8-carbonitrile
3 non-polymer 'L(+)-TARTARIC ACID'
4 non-polymer GLYCEROL
5 non-polymer 1,2-ETHANEDIOL
6 non-polymer 'MANGANESE (II) ION'
7 water water
#
_entity_poly.entity_id   1
_entity_poly.type   'polypeptide(L)'
_entity_poly.pdbx_seq_one_letter_code
;SNALEDSSTISFITWNIDGLDGCNLPERARGVCSCLALYSPDVVFLQEVIPPYCAYLKKRAASYTIITGNEEGYFTAILL
KKGRVKFKSQEIIPFPNTKMMRNLLCVNVSLGGNEFCLMTSHLESTRGHSAERIRQLKTVLGKMQEAPDSTTVIFAGDTN
LRDREVIKCGGLPDNVFDAWEFLGKPKHCQYTWDTKANNNLRIPAACKLRFDRIFFRAEEGHLIPQSLDLVGLEKLDCGR
FPSDHWGLLCTLNVVL
;
_entity_poly.pdbx_strand_id   A,B
#
# COMPACT_ATOMS: atom_id res chain seq x y z
N THR A 9 7.32 -39.08 0.11
CA THR A 9 6.74 -37.81 0.58
C THR A 9 7.64 -36.60 0.18
N ILE A 10 6.99 -35.44 -0.03
CA ILE A 10 7.71 -34.16 -0.17
C ILE A 10 6.87 -33.09 0.54
N SER A 11 7.53 -32.22 1.32
CA SER A 11 6.87 -31.06 1.91
CA SER A 11 6.85 -31.06 1.88
C SER A 11 7.52 -29.79 1.35
N PHE A 12 6.71 -28.78 1.11
CA PHE A 12 7.30 -27.55 0.56
C PHE A 12 6.44 -26.37 0.91
N ILE A 13 7.06 -25.19 0.87
CA ILE A 13 6.37 -23.92 0.99
C ILE A 13 6.56 -23.14 -0.28
N THR A 14 5.50 -22.52 -0.81
CA THR A 14 5.66 -21.48 -1.82
C THR A 14 5.22 -20.14 -1.21
N TRP A 15 5.97 -19.08 -1.52
CA TRP A 15 5.66 -17.82 -0.83
C TRP A 15 6.20 -16.63 -1.63
N ASN A 16 5.32 -15.69 -1.99
CA ASN A 16 5.74 -14.39 -2.55
C ASN A 16 6.07 -13.57 -1.33
N ILE A 17 7.36 -13.28 -1.09
CA ILE A 17 7.71 -12.69 0.18
C ILE A 17 7.85 -11.17 0.09
N ASP A 18 7.45 -10.57 -1.03
CA ASP A 18 7.34 -9.10 -1.18
C ASP A 18 8.67 -8.44 -0.85
N GLY A 19 9.73 -8.91 -1.51
CA GLY A 19 11.04 -8.25 -1.33
C GLY A 19 11.05 -6.80 -1.83
N LEU A 20 10.08 -6.43 -2.65
CA LEU A 20 9.92 -5.06 -3.14
C LEU A 20 9.47 -4.08 -2.07
N ASP A 21 9.01 -4.59 -0.94
CA ASP A 21 8.68 -3.73 0.20
C ASP A 21 9.98 -3.53 0.99
N GLY A 22 10.54 -2.30 0.96
CA GLY A 22 11.71 -2.11 1.79
C GLY A 22 11.43 -1.89 3.30
N CYS A 23 10.19 -1.65 3.69
CA CYS A 23 9.86 -1.36 5.07
CA CYS A 23 9.91 -1.35 5.09
C CYS A 23 9.94 -2.61 5.93
N ASN A 24 10.67 -2.55 7.03
CA ASN A 24 10.85 -3.69 7.94
C ASN A 24 11.43 -4.91 7.19
N LEU A 25 12.24 -4.74 6.15
CA LEU A 25 12.66 -5.94 5.43
C LEU A 25 13.48 -6.90 6.29
N PRO A 26 14.49 -6.47 7.04
CA PRO A 26 15.26 -7.45 7.80
C PRO A 26 14.42 -8.23 8.79
N GLU A 27 13.50 -7.55 9.49
CA GLU A 27 12.64 -8.24 10.43
C GLU A 27 11.74 -9.21 9.71
N ARG A 28 11.20 -8.78 8.56
CA ARG A 28 10.31 -9.68 7.82
C ARG A 28 11.06 -10.89 7.27
N ALA A 29 12.29 -10.71 6.79
CA ALA A 29 13.10 -11.87 6.36
C ALA A 29 13.39 -12.80 7.53
N ARG A 30 13.72 -12.22 8.70
CA ARG A 30 13.77 -13.03 9.91
C ARG A 30 12.49 -13.81 10.12
N GLY A 31 11.32 -13.15 9.95
CA GLY A 31 10.03 -13.85 10.12
C GLY A 31 9.92 -15.02 9.16
N VAL A 32 10.29 -14.82 7.90
CA VAL A 32 10.22 -15.93 6.93
C VAL A 32 11.18 -17.04 7.33
N CYS A 33 12.42 -16.69 7.71
CA CYS A 33 13.37 -17.73 8.10
C CYS A 33 12.92 -18.47 9.36
N SER A 34 12.16 -17.80 10.25
CA SER A 34 11.63 -18.52 11.41
CA SER A 34 11.62 -18.50 11.41
C SER A 34 10.61 -19.55 10.99
N CYS A 35 9.77 -19.20 10.03
CA CYS A 35 8.82 -20.19 9.50
CA CYS A 35 8.82 -20.15 9.47
C CYS A 35 9.54 -21.35 8.85
N LEU A 36 10.58 -21.08 8.05
CA LEU A 36 11.35 -22.18 7.45
C LEU A 36 11.94 -23.10 8.53
N ALA A 37 12.49 -22.54 9.62
CA ALA A 37 13.07 -23.38 10.66
C ALA A 37 11.99 -24.15 11.39
N LEU A 38 10.79 -23.56 11.58
CA LEU A 38 9.74 -24.25 12.33
C LEU A 38 9.11 -25.36 11.49
N TYR A 39 8.80 -25.07 10.21
CA TYR A 39 8.14 -26.11 9.42
C TYR A 39 9.13 -27.03 8.72
N SER A 40 10.37 -26.59 8.56
CA SER A 40 11.45 -27.42 8.04
C SER A 40 11.08 -28.12 6.73
N PRO A 41 10.57 -27.38 5.73
CA PRO A 41 10.17 -28.04 4.46
C PRO A 41 11.38 -28.56 3.70
N ASP A 42 11.12 -29.56 2.85
CA ASP A 42 12.17 -30.02 1.95
C ASP A 42 12.57 -28.95 0.96
N VAL A 43 11.58 -28.21 0.41
CA VAL A 43 11.81 -27.25 -0.67
C VAL A 43 11.04 -26.00 -0.32
N VAL A 44 11.61 -24.85 -0.70
CA VAL A 44 10.88 -23.59 -0.62
C VAL A 44 10.92 -22.89 -1.97
N PHE A 45 9.77 -22.54 -2.49
CA PHE A 45 9.66 -21.77 -3.72
C PHE A 45 9.37 -20.33 -3.38
N LEU A 46 10.24 -19.37 -3.79
CA LEU A 46 10.06 -17.99 -3.39
C LEU A 46 9.94 -17.09 -4.61
N GLN A 47 9.11 -16.05 -4.52
CA GLN A 47 8.98 -15.03 -5.56
C GLN A 47 9.18 -13.66 -4.90
N GLU A 48 9.54 -12.72 -5.76
CA GLU A 48 9.80 -11.34 -5.34
C GLU A 48 10.96 -11.30 -4.39
N VAL A 49 11.91 -12.18 -4.61
CA VAL A 49 13.21 -12.02 -3.92
C VAL A 49 13.97 -10.84 -4.51
N ILE A 50 14.74 -10.11 -3.67
CA ILE A 50 15.68 -9.10 -4.16
C ILE A 50 17.07 -9.39 -3.58
N PRO A 51 18.14 -8.76 -4.11
CA PRO A 51 19.53 -9.16 -3.70
C PRO A 51 19.74 -9.14 -2.21
N PRO A 52 19.39 -8.07 -1.50
CA PRO A 52 19.62 -8.11 -0.05
C PRO A 52 18.87 -9.21 0.64
N TYR A 53 17.75 -9.67 0.06
CA TYR A 53 16.97 -10.70 0.71
C TYR A 53 17.67 -12.03 0.58
N CYS A 54 18.33 -12.28 -0.56
CA CYS A 54 19.16 -13.46 -0.71
C CYS A 54 20.25 -13.49 0.34
N ALA A 55 20.85 -12.34 0.59
CA ALA A 55 21.93 -12.30 1.55
C ALA A 55 21.43 -12.74 2.90
N TYR A 56 20.22 -12.34 3.20
CA TYR A 56 19.63 -12.72 4.45
C TYR A 56 19.39 -14.23 4.51
N LEU A 57 18.84 -14.78 3.44
CA LEU A 57 18.60 -16.21 3.39
C LEU A 57 19.89 -17.04 3.51
N LYS A 58 21.02 -16.54 2.94
CA LYS A 58 22.26 -17.29 3.07
C LYS A 58 22.71 -17.37 4.50
N LYS A 59 22.43 -16.35 5.31
CA LYS A 59 22.89 -16.40 6.70
C LYS A 59 21.90 -17.08 7.64
N ARG A 60 20.59 -16.93 7.40
CA ARG A 60 19.56 -17.23 8.37
C ARG A 60 18.73 -18.42 7.94
N ALA A 61 18.99 -18.94 6.74
CA ALA A 61 18.48 -20.26 6.29
C ALA A 61 19.59 -20.98 5.53
N ALA A 62 20.78 -21.08 6.14
CA ALA A 62 22.00 -21.52 5.47
C ALA A 62 21.96 -22.98 5.09
N SER A 63 21.02 -23.75 5.61
CA SER A 63 21.01 -25.17 5.24
C SER A 63 20.14 -25.39 4.01
N TYR A 64 19.66 -24.31 3.38
CA TYR A 64 18.97 -24.35 2.07
C TYR A 64 19.92 -23.88 0.96
N THR A 65 20.12 -24.72 -0.04
CA THR A 65 20.79 -24.21 -1.22
C THR A 65 19.85 -23.31 -1.99
N ILE A 66 20.28 -22.08 -2.30
CA ILE A 66 19.46 -21.14 -3.07
C ILE A 66 19.70 -21.34 -4.56
N ILE A 67 18.68 -21.80 -5.32
CA ILE A 67 18.83 -21.89 -6.78
C ILE A 67 18.13 -20.70 -7.42
N THR A 68 18.86 -19.91 -8.17
CA THR A 68 18.24 -18.86 -8.99
C THR A 68 18.55 -19.01 -10.46
N GLY A 69 17.66 -18.44 -11.27
CA GLY A 69 17.95 -18.08 -12.64
C GLY A 69 18.37 -16.63 -12.67
N ASN A 70 17.83 -15.83 -13.60
CA ASN A 70 18.20 -14.42 -13.68
C ASN A 70 17.86 -13.69 -12.38
N GLU A 71 18.66 -12.68 -12.05
CA GLU A 71 18.46 -11.95 -10.81
C GLU A 71 18.32 -10.44 -11.09
N GLU A 72 17.61 -10.05 -12.13
CA GLU A 72 17.54 -8.62 -12.41
C GLU A 72 16.31 -8.04 -11.74
N GLY A 73 16.53 -7.08 -10.87
CA GLY A 73 15.46 -6.41 -10.15
C GLY A 73 14.89 -7.24 -9.02
N TYR A 74 13.88 -8.07 -9.31
CA TYR A 74 13.33 -8.98 -8.32
C TYR A 74 13.12 -10.29 -9.04
N PHE A 75 13.14 -11.38 -8.31
CA PHE A 75 13.20 -12.65 -9.03
C PHE A 75 12.69 -13.79 -8.16
N THR A 76 12.55 -14.97 -8.79
CA THR A 76 12.18 -16.16 -8.03
C THR A 76 13.42 -16.96 -7.61
N ALA A 77 13.20 -17.90 -6.68
CA ALA A 77 14.26 -18.81 -6.27
C ALA A 77 13.64 -20.10 -5.76
N ILE A 78 14.38 -21.19 -5.92
CA ILE A 78 14.02 -22.48 -5.33
C ILE A 78 15.12 -22.86 -4.33
N LEU A 79 14.71 -23.09 -3.09
CA LEU A 79 15.61 -23.42 -1.97
C LEU A 79 15.50 -24.92 -1.75
N LEU A 80 16.64 -25.61 -1.64
CA LEU A 80 16.70 -27.07 -1.52
C LEU A 80 17.33 -27.46 -0.21
N LYS A 81 16.65 -28.24 0.61
CA LYS A 81 17.26 -28.55 1.91
C LYS A 81 18.52 -29.42 1.74
N LYS A 82 19.67 -28.97 2.24
CA LYS A 82 20.89 -29.74 2.09
CA LYS A 82 20.89 -29.74 2.09
C LYS A 82 20.82 -31.04 2.87
N GLY A 83 21.17 -32.13 2.19
CA GLY A 83 21.14 -33.45 2.80
C GLY A 83 19.85 -34.20 2.53
N ARG A 84 18.78 -33.50 2.18
CA ARG A 84 17.53 -34.12 1.76
C ARG A 84 17.38 -34.12 0.26
N VAL A 85 17.63 -32.99 -0.37
CA VAL A 85 17.31 -32.77 -1.78
C VAL A 85 18.63 -32.71 -2.53
N LYS A 86 18.80 -33.56 -3.53
CA LYS A 86 19.98 -33.50 -4.40
C LYS A 86 19.68 -32.78 -5.72
N PHE A 87 20.39 -31.69 -5.92
CA PHE A 87 20.30 -30.97 -7.20
C PHE A 87 20.87 -31.80 -8.35
N LYS A 88 20.08 -31.95 -9.42
CA LYS A 88 20.52 -32.59 -10.65
C LYS A 88 20.77 -31.57 -11.75
N SER A 89 19.77 -30.77 -12.10
CA SER A 89 19.94 -29.81 -13.19
C SER A 89 18.88 -28.72 -13.08
N GLN A 90 19.12 -27.64 -13.85
CA GLN A 90 18.23 -26.49 -13.91
CA GLN A 90 18.16 -26.56 -13.91
C GLN A 90 17.89 -26.20 -15.36
N GLU A 91 16.67 -25.70 -15.58
CA GLU A 91 16.26 -25.25 -16.91
C GLU A 91 15.50 -23.94 -16.75
N ILE A 92 15.75 -22.95 -17.60
CA ILE A 92 14.99 -21.69 -17.51
C ILE A 92 14.18 -21.57 -18.78
N ILE A 93 12.86 -21.49 -18.64
CA ILE A 93 12.00 -21.31 -19.81
C ILE A 93 11.58 -19.84 -19.87
N PRO A 94 11.97 -19.11 -20.89
CA PRO A 94 11.67 -17.67 -20.95
C PRO A 94 10.20 -17.47 -21.32
N PHE A 95 9.66 -16.30 -20.93
CA PHE A 95 8.34 -15.85 -21.40
C PHE A 95 8.66 -14.68 -22.36
N PRO A 96 8.83 -14.94 -23.66
CA PRO A 96 9.36 -13.90 -24.58
C PRO A 96 8.60 -12.61 -24.54
N ASN A 97 7.32 -12.61 -24.23
CA ASN A 97 6.55 -11.38 -24.24
C ASN A 97 6.33 -10.76 -22.87
N THR A 98 6.99 -11.26 -21.83
CA THR A 98 6.85 -10.60 -20.52
C THR A 98 7.30 -9.12 -20.61
N LYS A 99 6.62 -8.28 -19.85
CA LYS A 99 7.03 -6.91 -19.65
C LYS A 99 7.54 -6.72 -18.25
N MET A 100 7.62 -7.80 -17.47
CA MET A 100 7.98 -7.70 -16.05
C MET A 100 9.11 -8.68 -15.68
N MET A 101 9.94 -9.08 -16.66
CA MET A 101 11.09 -9.94 -16.42
CA MET A 101 11.08 -9.94 -16.43
C MET A 101 10.69 -11.28 -15.82
N ARG A 102 9.50 -11.80 -16.17
CA ARG A 102 9.03 -13.05 -15.60
C ARG A 102 9.49 -14.23 -16.48
N ASN A 103 9.62 -15.40 -15.87
CA ASN A 103 10.05 -16.60 -16.60
C ASN A 103 9.68 -17.82 -15.78
N LEU A 104 9.98 -19.00 -16.32
CA LEU A 104 9.68 -20.26 -15.63
C LEU A 104 10.99 -20.93 -15.23
N LEU A 105 11.18 -21.09 -13.94
CA LEU A 105 12.38 -21.67 -13.36
C LEU A 105 12.13 -23.13 -13.01
N CYS A 106 12.89 -24.04 -13.61
CA CYS A 106 12.75 -25.47 -13.41
CA CYS A 106 12.75 -25.47 -13.37
C CYS A 106 14.01 -26.06 -12.78
N VAL A 107 13.85 -26.90 -11.76
CA VAL A 107 14.97 -27.57 -11.11
C VAL A 107 14.61 -29.05 -10.99
N ASN A 108 15.41 -29.91 -11.62
CA ASN A 108 15.32 -31.37 -11.41
C ASN A 108 16.15 -31.81 -10.22
N VAL A 109 15.52 -32.57 -9.32
CA VAL A 109 16.16 -32.97 -8.06
C VAL A 109 15.82 -34.44 -7.76
N SER A 110 16.56 -35.05 -6.85
CA SER A 110 16.18 -36.33 -6.23
C SER A 110 15.90 -36.11 -4.76
N LEU A 111 14.89 -36.82 -4.24
CA LEU A 111 14.47 -36.67 -2.85
C LEU A 111 13.78 -37.97 -2.42
N GLY A 112 14.23 -38.60 -1.34
CA GLY A 112 13.56 -39.84 -0.93
C GLY A 112 13.62 -40.95 -1.95
N GLY A 113 14.67 -41.00 -2.76
CA GLY A 113 14.67 -42.02 -3.79
C GLY A 113 13.77 -41.75 -4.99
N ASN A 114 13.17 -40.57 -5.09
CA ASN A 114 12.28 -40.25 -6.21
C ASN A 114 12.81 -39.03 -6.97
N GLU A 115 12.56 -39.00 -8.28
CA GLU A 115 12.92 -37.86 -9.11
C GLU A 115 11.76 -36.88 -9.23
N PHE A 116 12.10 -35.59 -9.12
CA PHE A 116 11.15 -34.48 -9.18
C PHE A 116 11.60 -33.45 -10.19
N CYS A 117 10.63 -32.85 -10.82
CA CYS A 117 10.84 -31.61 -11.59
CA CYS A 117 10.80 -31.64 -11.61
C CYS A 117 10.08 -30.54 -10.84
N LEU A 118 10.81 -29.66 -10.18
CA LEU A 118 10.21 -28.61 -9.37
C LEU A 118 10.25 -27.30 -10.14
N MET A 119 9.10 -26.64 -10.22
CA MET A 119 8.95 -25.45 -11.04
C MET A 119 8.38 -24.30 -10.24
N THR A 120 8.87 -23.08 -10.55
CA THR A 120 8.19 -21.89 -10.00
C THR A 120 8.23 -20.77 -11.02
N SER A 121 7.34 -19.81 -10.80
CA SER A 121 7.27 -18.58 -11.59
C SER A 121 6.47 -17.59 -10.78
N HIS A 122 6.60 -16.35 -11.19
CA HIS A 122 5.73 -15.26 -10.76
C HIS A 122 5.07 -14.81 -12.05
N LEU A 123 3.86 -15.30 -12.34
CA LEU A 123 3.32 -14.97 -13.66
C LEU A 123 2.99 -13.48 -13.77
N GLU A 124 2.89 -12.99 -15.00
CA GLU A 124 2.61 -11.57 -15.24
C GLU A 124 1.53 -11.02 -14.29
N SER A 125 1.80 -9.91 -13.65
CA SER A 125 0.88 -9.32 -12.66
C SER A 125 -0.12 -8.35 -13.33
N THR A 126 -1.23 -8.07 -12.59
CA THR A 126 -2.25 -7.01 -12.77
C THR A 126 -3.36 -7.46 -13.70
N ARG A 127 -4.50 -6.81 -13.56
CA ARG A 127 -5.62 -7.18 -14.41
C ARG A 127 -5.34 -6.80 -15.84
N GLY A 128 -4.59 -5.70 -16.06
CA GLY A 128 -4.33 -5.22 -17.39
C GLY A 128 -3.51 -6.17 -18.24
N HIS A 129 -2.74 -7.05 -17.59
CA HIS A 129 -1.90 -7.99 -18.31
C HIS A 129 -2.48 -9.40 -18.32
N SER A 130 -3.81 -9.51 -18.19
CA SER A 130 -4.47 -10.81 -18.19
C SER A 130 -4.02 -11.69 -19.36
N ALA A 131 -4.02 -11.14 -20.59
CA ALA A 131 -3.86 -12.02 -21.75
C ALA A 131 -2.46 -12.68 -21.76
N GLU A 132 -1.44 -11.91 -21.37
CA GLU A 132 -0.09 -12.43 -21.26
C GLU A 132 0.07 -13.43 -20.10
N ARG A 133 -0.50 -13.15 -18.92
CA ARG A 133 -0.55 -14.13 -17.85
C ARG A 133 -1.17 -15.44 -18.33
N ILE A 134 -2.27 -15.36 -19.07
CA ILE A 134 -2.90 -16.59 -19.57
C ILE A 134 -1.95 -17.34 -20.52
N ARG A 135 -1.27 -16.61 -21.42
CA ARG A 135 -0.30 -17.26 -22.30
C ARG A 135 0.81 -17.93 -21.49
N GLN A 136 1.29 -17.25 -20.47
CA GLN A 136 2.33 -17.83 -19.63
C GLN A 136 1.81 -19.08 -18.90
N LEU A 137 0.57 -19.04 -18.41
CA LEU A 137 0.04 -20.23 -17.73
C LEU A 137 0.07 -21.42 -18.69
N LYS A 138 -0.36 -21.21 -19.94
CA LYS A 138 -0.33 -22.26 -20.96
C LYS A 138 1.09 -22.85 -21.14
N THR A 139 2.12 -21.98 -21.21
CA THR A 139 3.51 -22.42 -21.27
C THR A 139 3.88 -23.30 -20.08
N VAL A 140 3.52 -22.87 -18.86
CA VAL A 140 3.80 -23.64 -17.65
C VAL A 140 3.14 -25.01 -17.74
N LEU A 141 1.86 -25.03 -18.09
CA LEU A 141 1.15 -26.32 -18.15
C LEU A 141 1.70 -27.22 -19.25
N GLY A 142 2.05 -26.68 -20.39
CA GLY A 142 2.66 -27.51 -21.40
C GLY A 142 3.99 -28.07 -20.95
N LYS A 143 4.79 -27.24 -20.30
CA LYS A 143 6.05 -27.74 -19.77
C LYS A 143 5.85 -28.85 -18.73
N MET A 144 4.84 -28.74 -17.87
CA MET A 144 4.57 -29.79 -16.91
C MET A 144 4.25 -31.10 -17.64
N GLN A 145 3.48 -31.03 -18.72
CA GLN A 145 3.17 -32.27 -19.40
C GLN A 145 4.35 -32.87 -20.16
N GLU A 146 5.34 -32.08 -20.50
CA GLU A 146 6.45 -32.59 -21.28
C GLU A 146 7.51 -33.27 -20.42
N ALA A 147 7.41 -33.20 -19.11
CA ALA A 147 8.46 -33.79 -18.30
C ALA A 147 8.41 -35.30 -18.47
N PRO A 148 9.55 -35.98 -18.29
CA PRO A 148 9.59 -37.45 -18.42
C PRO A 148 8.58 -38.14 -17.52
N ASP A 149 8.10 -39.28 -17.97
CA ASP A 149 6.93 -39.86 -17.30
C ASP A 149 7.21 -40.36 -15.90
N SER A 150 8.45 -40.73 -15.58
CA SER A 150 8.71 -41.28 -14.26
C SER A 150 9.05 -40.19 -13.24
N THR A 151 8.95 -38.92 -13.62
CA THR A 151 9.26 -37.82 -12.76
C THR A 151 7.96 -37.26 -12.18
N THR A 152 7.99 -36.89 -10.90
CA THR A 152 6.91 -36.15 -10.25
C THR A 152 7.15 -34.67 -10.54
N VAL A 153 6.17 -34.01 -11.17
CA VAL A 153 6.24 -32.61 -11.54
C VAL A 153 5.38 -31.80 -10.59
N ILE A 154 5.97 -30.75 -9.99
CA ILE A 154 5.25 -29.85 -9.09
C ILE A 154 5.57 -28.46 -9.53
N PHE A 155 4.53 -27.69 -9.79
CA PHE A 155 4.64 -26.24 -9.94
C PHE A 155 4.11 -25.61 -8.68
N ALA A 156 4.85 -24.66 -8.08
CA ALA A 156 4.23 -23.92 -6.99
C ALA A 156 4.68 -22.48 -7.11
N GLY A 157 3.74 -21.55 -7.18
CA GLY A 157 4.19 -20.17 -7.46
C GLY A 157 3.10 -19.15 -7.31
N ASP A 158 3.47 -17.91 -7.59
CA ASP A 158 2.53 -16.81 -7.60
C ASP A 158 2.01 -16.62 -9.01
N THR A 159 0.80 -17.19 -9.26
CA THR A 159 0.20 -17.19 -10.58
C THR A 159 -0.57 -15.92 -10.92
N ASN A 160 -0.91 -15.07 -9.93
CA ASN A 160 -1.67 -13.86 -10.20
C ASN A 160 -3.03 -14.15 -10.87
N LEU A 161 -3.46 -15.43 -10.81
CA LEU A 161 -4.68 -15.77 -11.54
C LEU A 161 -5.94 -15.31 -10.81
N ARG A 162 -7.01 -15.08 -11.58
CA ARG A 162 -8.27 -14.72 -10.93
C ARG A 162 -9.37 -15.12 -11.87
N ASP A 163 -10.59 -15.03 -11.36
CA ASP A 163 -11.81 -15.09 -12.21
C ASP A 163 -11.74 -16.38 -13.04
N ARG A 164 -12.01 -16.31 -14.35
CA ARG A 164 -12.01 -17.48 -15.19
C ARG A 164 -10.77 -17.55 -16.08
N GLU A 165 -9.64 -17.05 -15.58
CA GLU A 165 -8.45 -17.11 -16.41
C GLU A 165 -7.97 -18.55 -16.69
N VAL A 166 -8.18 -19.49 -15.77
CA VAL A 166 -7.71 -20.84 -16.06
C VAL A 166 -8.52 -21.44 -17.18
N ILE A 167 -9.83 -21.24 -17.11
CA ILE A 167 -10.70 -21.69 -18.20
C ILE A 167 -10.33 -21.05 -19.54
N LYS A 168 -10.05 -19.73 -19.54
CA LYS A 168 -9.65 -19.08 -20.77
C LYS A 168 -8.34 -19.61 -21.35
N CYS A 169 -7.50 -20.22 -20.51
CA CYS A 169 -6.27 -20.77 -21.04
CA CYS A 169 -6.25 -20.83 -20.93
C CYS A 169 -6.49 -22.12 -21.71
N GLY A 170 -7.67 -22.67 -21.60
CA GLY A 170 -7.98 -24.02 -22.07
C GLY A 170 -8.13 -25.02 -20.94
N GLY A 171 -8.00 -24.57 -19.69
CA GLY A 171 -8.22 -25.41 -18.53
C GLY A 171 -6.99 -26.24 -18.14
N LEU A 172 -7.01 -26.74 -16.90
CA LEU A 172 -5.98 -27.66 -16.51
C LEU A 172 -6.08 -28.90 -17.38
N PRO A 173 -5.01 -29.37 -17.97
CA PRO A 173 -5.02 -30.67 -18.67
C PRO A 173 -5.54 -31.81 -17.83
N ASP A 174 -5.93 -32.91 -18.50
CA ASP A 174 -6.49 -34.04 -17.78
CA ASP A 174 -6.49 -34.03 -17.77
C ASP A 174 -5.52 -34.61 -16.75
N ASN A 175 -4.22 -34.43 -16.91
CA ASN A 175 -3.29 -35.04 -15.98
C ASN A 175 -2.61 -34.03 -15.06
N VAL A 176 -3.15 -32.82 -14.94
CA VAL A 176 -2.58 -31.80 -14.04
C VAL A 176 -3.68 -31.37 -13.09
N PHE A 177 -3.33 -31.19 -11.80
CA PHE A 177 -4.31 -30.87 -10.77
C PHE A 177 -3.84 -29.76 -9.86
N ASP A 178 -4.81 -28.95 -9.46
CA ASP A 178 -4.53 -27.85 -8.53
C ASP A 178 -4.67 -28.46 -7.12
N ALA A 179 -3.63 -28.36 -6.27
CA ALA A 179 -3.67 -29.05 -4.99
C ALA A 179 -4.84 -28.61 -4.12
N TRP A 180 -5.19 -27.32 -4.16
CA TRP A 180 -6.30 -26.83 -3.36
C TRP A 180 -7.61 -27.33 -3.87
N GLU A 181 -7.77 -27.37 -5.18
CA GLU A 181 -8.99 -27.97 -5.71
C GLU A 181 -9.06 -29.46 -5.37
N PHE A 182 -7.92 -30.13 -5.43
CA PHE A 182 -7.90 -31.59 -5.23
C PHE A 182 -8.32 -31.97 -3.80
N LEU A 183 -8.00 -31.13 -2.83
CA LEU A 183 -8.38 -31.33 -1.46
C LEU A 183 -9.79 -30.83 -1.15
N GLY A 184 -10.58 -30.46 -2.15
CA GLY A 184 -11.97 -30.11 -1.92
C GLY A 184 -12.19 -28.63 -1.65
N LYS A 185 -11.26 -27.76 -2.03
CA LYS A 185 -11.38 -26.30 -1.89
C LYS A 185 -11.62 -25.89 -0.43
N PRO A 186 -10.78 -26.36 0.50
CA PRO A 186 -10.97 -26.00 1.92
C PRO A 186 -10.92 -24.48 2.10
N LYS A 187 -11.81 -23.99 2.97
CA LYS A 187 -11.93 -22.54 3.24
C LYS A 187 -10.74 -22.00 3.95
N HIS A 188 -10.14 -22.78 4.85
CA HIS A 188 -9.08 -22.18 5.68
C HIS A 188 -7.89 -21.70 4.89
N CYS A 189 -7.65 -22.23 3.69
CA CYS A 189 -6.58 -21.68 2.85
C CYS A 189 -7.05 -21.22 1.46
N GLN A 190 -8.30 -20.74 1.35
CA GLN A 190 -8.83 -20.35 0.06
C GLN A 190 -8.28 -19.03 -0.47
N TYR A 191 -7.76 -18.16 0.38
CA TYR A 191 -7.24 -16.89 -0.11
C TYR A 191 -5.77 -16.82 0.30
N THR A 192 -4.93 -16.38 -0.61
CA THR A 192 -3.51 -16.18 -0.30
C THR A 192 -3.13 -14.72 -0.37
N TRP A 193 -4.00 -13.86 -0.87
CA TRP A 193 -3.75 -12.40 -0.87
C TRP A 193 -5.04 -11.77 -0.36
N ASP A 194 -5.02 -11.33 0.89
CA ASP A 194 -6.31 -10.99 1.54
C ASP A 194 -6.08 -9.68 2.27
N THR A 195 -6.55 -8.58 1.68
CA THR A 195 -6.28 -7.25 2.25
C THR A 195 -7.17 -6.92 3.43
N LYS A 196 -8.18 -7.73 3.73
CA LYS A 196 -8.91 -7.50 4.98
C LYS A 196 -8.12 -8.08 6.15
N ALA A 197 -7.63 -9.31 5.99
CA ALA A 197 -6.91 -10.00 7.05
C ALA A 197 -5.41 -9.65 7.11
N ASN A 198 -4.85 -9.13 6.02
CA ASN A 198 -3.41 -8.82 5.96
C ASN A 198 -3.31 -7.32 5.88
N ASN A 199 -2.48 -6.73 6.74
CA ASN A 199 -2.37 -5.28 6.78
C ASN A 199 -1.11 -4.71 6.11
N ASN A 200 -0.31 -5.50 5.36
CA ASN A 200 1.01 -4.98 4.93
C ASN A 200 0.89 -3.91 3.89
N LEU A 201 -0.12 -4.00 3.04
CA LEU A 201 -0.41 -2.91 2.13
C LEU A 201 -1.38 -2.01 2.85
N ARG A 202 -1.09 -0.74 2.85
CA ARG A 202 -1.89 0.16 3.66
C ARG A 202 -2.93 0.77 2.75
N ILE A 203 -3.89 -0.07 2.38
CA ILE A 203 -4.86 0.23 1.34
C ILE A 203 -6.28 0.02 1.81
N PRO A 204 -7.20 0.88 1.38
CA PRO A 204 -8.55 0.90 2.00
C PRO A 204 -9.46 -0.22 1.53
N ALA A 205 -9.21 -0.83 0.38
CA ALA A 205 -10.24 -1.70 -0.19
C ALA A 205 -10.03 -3.19 0.19
N ALA A 206 -11.15 -3.90 0.30
CA ALA A 206 -11.16 -5.33 0.61
C ALA A 206 -11.00 -6.13 -0.67
N CYS A 207 -10.09 -7.10 -0.63
CA CYS A 207 -9.83 -7.96 -1.77
C CYS A 207 -9.35 -9.27 -1.22
N LYS A 208 -9.89 -10.38 -1.72
CA LYS A 208 -9.46 -11.70 -1.26
C LYS A 208 -9.30 -12.56 -2.50
N LEU A 209 -8.06 -12.87 -2.82
CA LEU A 209 -7.77 -13.61 -4.05
C LEU A 209 -6.85 -14.78 -3.76
N ARG A 210 -6.79 -15.70 -4.69
CA ARG A 210 -6.01 -16.90 -4.51
C ARG A 210 -4.93 -16.93 -5.58
N PHE A 211 -3.95 -16.01 -5.41
CA PHE A 211 -2.88 -15.91 -6.39
C PHE A 211 -1.92 -17.09 -6.35
N ASP A 212 -1.63 -17.58 -5.15
CA ASP A 212 -0.53 -18.53 -4.97
C ASP A 212 -1.13 -19.92 -5.08
N ARG A 213 -0.63 -20.70 -6.03
CA ARG A 213 -1.24 -22.00 -6.34
C ARG A 213 -0.17 -23.08 -6.57
N ILE A 214 -0.62 -24.33 -6.49
CA ILE A 214 0.26 -25.48 -6.60
C ILE A 214 -0.40 -26.37 -7.62
N PHE A 215 0.33 -26.74 -8.67
CA PHE A 215 -0.17 -27.71 -9.64
C PHE A 215 0.72 -28.94 -9.58
N PHE A 216 0.14 -30.13 -9.72
CA PHE A 216 1.03 -31.28 -9.73
C PHE A 216 0.59 -32.22 -10.84
N ARG A 217 1.53 -32.94 -11.39
CA ARG A 217 1.13 -33.84 -12.48
C ARG A 217 0.78 -35.24 -11.95
N ALA A 218 -0.30 -35.79 -12.54
CA ALA A 218 -0.77 -37.12 -12.16
C ALA A 218 0.28 -38.18 -12.49
N GLU A 219 0.39 -39.17 -11.63
CA GLU A 219 1.24 -40.29 -11.98
C GLU A 219 0.63 -41.61 -11.56
N GLU A 220 -0.71 -41.64 -11.46
CA GLU A 220 -1.54 -42.83 -11.29
C GLU A 220 -1.18 -43.63 -10.05
N GLY A 221 -1.81 -43.28 -8.93
CA GLY A 221 -1.65 -44.03 -7.70
C GLY A 221 -0.34 -43.85 -6.98
N HIS A 222 0.33 -42.70 -7.13
CA HIS A 222 1.57 -42.42 -6.40
C HIS A 222 1.37 -41.21 -5.46
N LEU A 223 2.22 -40.18 -5.54
CA LEU A 223 2.07 -39.03 -4.65
C LEU A 223 0.80 -38.22 -4.94
N ILE A 224 0.12 -37.78 -3.86
CA ILE A 224 -0.98 -36.82 -3.91
C ILE A 224 -0.94 -35.90 -2.69
N PRO A 225 -1.61 -34.74 -2.74
CA PRO A 225 -1.57 -33.82 -1.59
C PRO A 225 -2.24 -34.45 -0.39
N GLN A 226 -1.58 -34.34 0.74
CA GLN A 226 -2.14 -34.81 2.00
C GLN A 226 -2.57 -33.66 2.88
N SER A 227 -1.91 -32.51 2.75
CA SER A 227 -2.32 -31.35 3.53
C SER A 227 -1.93 -30.10 2.79
N LEU A 228 -2.61 -29.02 3.15
CA LEU A 228 -2.34 -27.71 2.62
C LEU A 228 -2.74 -26.73 3.69
N ASP A 229 -1.87 -25.77 4.01
CA ASP A 229 -2.14 -24.83 5.08
C ASP A 229 -1.49 -23.50 4.72
N LEU A 230 -2.04 -22.39 5.24
CA LEU A 230 -1.40 -21.07 5.13
C LEU A 230 -0.23 -20.99 6.11
N VAL A 231 0.78 -20.22 5.72
CA VAL A 231 1.85 -19.86 6.67
C VAL A 231 2.06 -18.36 6.60
N GLY A 232 2.73 -17.83 7.62
CA GLY A 232 2.93 -16.40 7.61
C GLY A 232 1.81 -15.59 8.23
N LEU A 233 0.97 -16.20 9.09
CA LEU A 233 -0.18 -15.49 9.66
C LEU A 233 0.08 -14.90 11.02
N GLU A 234 1.29 -14.99 11.51
CA GLU A 234 1.64 -14.37 12.79
C GLU A 234 2.23 -12.98 12.56
N LYS A 235 1.67 -11.99 13.25
CA LYS A 235 2.24 -10.65 13.16
C LYS A 235 3.61 -10.66 13.83
N LEU A 236 4.55 -9.90 13.28
CA LEU A 236 5.86 -9.77 13.85
C LEU A 236 5.86 -8.61 14.82
N ASP A 237 7.04 -8.31 15.35
CA ASP A 237 7.16 -7.28 16.37
C ASP A 237 6.76 -5.91 15.86
N CYS A 238 6.98 -5.65 14.57
CA CYS A 238 6.64 -4.36 14.01
C CYS A 238 5.16 -4.19 13.75
N GLY A 239 4.36 -5.24 13.97
CA GLY A 239 2.91 -5.14 13.83
C GLY A 239 2.41 -5.46 12.44
N ARG A 240 3.29 -5.96 11.57
CA ARG A 240 2.98 -6.35 10.21
C ARG A 240 3.34 -7.81 10.05
N PHE A 241 2.95 -8.38 8.91
CA PHE A 241 3.26 -9.77 8.63
C PHE A 241 4.54 -9.88 7.82
N PRO A 242 5.06 -11.09 7.64
CA PRO A 242 6.25 -11.22 6.79
C PRO A 242 6.03 -10.70 5.37
N SER A 243 4.82 -10.85 4.79
CA SER A 243 4.62 -10.48 3.41
C SER A 243 3.17 -10.04 3.31
N ASP A 244 2.81 -9.38 2.19
CA ASP A 244 1.40 -9.11 1.89
C ASP A 244 0.69 -10.37 1.41
N HIS A 245 1.43 -11.37 0.98
CA HIS A 245 0.86 -12.70 0.72
C HIS A 245 0.99 -13.62 1.94
N TRP A 246 0.05 -14.54 2.05
CA TRP A 246 0.26 -15.75 2.84
C TRP A 246 1.04 -16.76 2.02
N GLY A 247 1.86 -17.58 2.71
CA GLY A 247 2.55 -18.65 2.02
C GLY A 247 1.68 -19.86 2.07
N LEU A 248 2.00 -20.86 1.25
CA LEU A 248 1.32 -22.12 1.30
C LEU A 248 2.32 -23.21 1.66
N LEU A 249 1.93 -24.05 2.61
CA LEU A 249 2.67 -25.23 3.03
C LEU A 249 1.89 -26.44 2.57
N CYS A 250 2.55 -27.35 1.86
CA CYS A 250 1.87 -28.50 1.26
C CYS A 250 2.71 -29.75 1.43
N THR A 251 2.10 -30.89 1.73
CA THR A 251 2.79 -32.17 1.70
CA THR A 251 2.79 -32.18 1.74
C THR A 251 2.09 -33.10 0.74
N LEU A 252 2.89 -33.82 -0.04
CA LEU A 252 2.32 -34.87 -0.86
C LEU A 252 2.86 -36.19 -0.37
N ASN A 253 2.04 -37.25 -0.43
CA ASN A 253 2.44 -38.59 0.01
C ASN A 253 1.90 -39.54 -1.04
N VAL A 254 2.34 -40.78 -0.91
CA VAL A 254 1.88 -41.90 -1.72
C VAL A 254 0.83 -42.62 -0.94
N VAL A 255 -0.31 -42.85 -1.58
CA VAL A 255 -1.36 -43.63 -0.98
C VAL A 255 -1.53 -44.81 -1.92
N LEU A 256 -1.18 -46.01 -1.44
CA LEU A 256 -1.36 -47.22 -2.25
C LEU A 256 -2.72 -47.86 -2.01
N SER B 8 -1.81 42.24 3.19
CA SER B 8 -3.06 42.07 2.44
C SER B 8 -2.83 40.77 1.67
N THR B 9 -1.97 39.91 2.24
CA THR B 9 -1.71 38.62 1.62
C THR B 9 -1.72 37.54 2.69
N ILE B 10 -1.91 36.32 2.24
CA ILE B 10 -1.77 35.21 3.16
C ILE B 10 -1.42 34.01 2.31
N SER B 11 -0.44 33.25 2.77
CA SER B 11 -0.13 31.99 2.12
C SER B 11 -0.26 30.86 3.13
N PHE B 12 -0.62 29.67 2.66
CA PHE B 12 -0.76 28.58 3.60
C PHE B 12 -0.56 27.28 2.85
N ILE B 13 -0.17 26.25 3.59
CA ILE B 13 -0.11 24.87 3.08
C ILE B 13 -1.16 24.05 3.80
N THR B 14 -1.87 23.20 3.07
CA THR B 14 -2.64 22.13 3.72
C THR B 14 -2.12 20.79 3.21
N TRP B 15 -1.98 19.81 4.11
CA TRP B 15 -1.31 18.58 3.74
C TRP B 15 -1.69 17.51 4.73
N ASN B 16 -2.16 16.37 4.21
CA ASN B 16 -2.26 15.16 5.04
C ASN B 16 -0.92 14.47 4.90
N ILE B 17 -0.12 14.47 5.97
CA ILE B 17 1.24 14.01 5.88
C ILE B 17 1.41 12.53 6.26
N ASP B 18 0.32 11.77 6.32
CA ASP B 18 0.35 10.30 6.54
C ASP B 18 1.22 9.93 7.75
N GLY B 19 0.98 10.62 8.88
CA GLY B 19 1.73 10.23 10.07
C GLY B 19 1.51 8.79 10.52
N LEU B 20 0.41 8.16 10.05
CA LEU B 20 0.13 6.78 10.40
C LEU B 20 1.05 5.80 9.70
N ASP B 21 1.83 6.25 8.71
CA ASP B 21 2.79 5.40 7.99
C ASP B 21 4.10 5.48 8.76
N GLY B 22 4.41 4.43 9.54
CA GLY B 22 5.69 4.43 10.27
C GLY B 22 6.93 4.26 9.40
N CYS B 23 6.79 3.84 8.15
CA CYS B 23 7.95 3.56 7.32
CA CYS B 23 7.94 3.55 7.29
C CYS B 23 8.60 4.85 6.82
N ASN B 24 9.89 5.00 7.09
CA ASN B 24 10.66 6.19 6.70
C ASN B 24 10.07 7.45 7.33
N LEU B 25 9.46 7.31 8.51
CA LEU B 25 8.74 8.49 8.97
C LEU B 25 9.68 9.62 9.38
N PRO B 26 10.80 9.38 10.03
CA PRO B 26 11.72 10.52 10.31
C PRO B 26 12.15 11.27 9.07
N GLU B 27 12.55 10.52 8.04
CA GLU B 27 12.97 11.16 6.81
C GLU B 27 11.83 11.92 6.15
N ARG B 28 10.63 11.34 6.14
CA ARG B 28 9.49 12.01 5.53
C ARG B 28 9.10 13.28 6.31
N ALA B 29 9.18 13.25 7.65
CA ALA B 29 8.92 14.45 8.42
C ALA B 29 9.99 15.51 8.14
N ARG B 30 11.25 15.10 8.04
CA ARG B 30 12.29 15.99 7.53
C ARG B 30 11.90 16.60 6.18
N GLY B 31 11.37 15.80 5.26
CA GLY B 31 10.93 16.34 3.97
C GLY B 31 9.81 17.36 4.08
N VAL B 32 8.83 17.11 4.96
CA VAL B 32 7.78 18.13 5.17
C VAL B 32 8.38 19.39 5.74
N CYS B 33 9.24 19.24 6.74
CA CYS B 33 9.82 20.44 7.35
C CYS B 33 10.66 21.24 6.36
N SER B 34 11.38 20.56 5.48
CA SER B 34 12.14 21.21 4.43
CA SER B 34 12.14 21.25 4.45
C SER B 34 11.23 22.04 3.53
N CYS B 35 10.05 21.48 3.22
CA CYS B 35 9.03 22.22 2.47
CA CYS B 35 9.05 22.22 2.45
C CYS B 35 8.59 23.49 3.20
N LEU B 36 8.31 23.38 4.51
CA LEU B 36 7.87 24.56 5.28
C LEU B 36 8.99 25.56 5.35
N ALA B 37 10.23 25.06 5.38
CA ALA B 37 11.33 26.03 5.49
C ALA B 37 11.51 26.80 4.20
N LEU B 38 11.22 26.14 3.08
CA LEU B 38 11.35 26.81 1.78
C LEU B 38 10.24 27.83 1.58
N TYR B 39 8.97 27.45 1.76
CA TYR B 39 7.88 28.35 1.42
C TYR B 39 7.51 29.30 2.56
N SER B 40 7.85 28.96 3.79
CA SER B 40 7.54 29.75 4.98
C SER B 40 6.11 30.35 4.96
N PRO B 41 5.10 29.51 4.80
CA PRO B 41 3.74 30.07 4.75
C PRO B 41 3.33 30.65 6.08
N ASP B 42 2.26 31.49 6.05
CA ASP B 42 1.75 32.06 7.29
C ASP B 42 1.17 30.96 8.17
N VAL B 43 0.50 29.97 7.56
CA VAL B 43 -0.28 29.01 8.30
C VAL B 43 -0.04 27.69 7.64
N VAL B 44 -0.05 26.63 8.45
CA VAL B 44 -0.01 25.28 7.89
C VAL B 44 -1.14 24.48 8.49
N PHE B 45 -1.96 23.85 7.63
CA PHE B 45 -3.02 22.96 8.10
C PHE B 45 -2.55 21.51 7.85
N LEU B 46 -2.40 20.70 8.91
CA LEU B 46 -1.95 19.32 8.73
C LEU B 46 -3.02 18.31 9.15
N GLN B 47 -3.05 17.14 8.49
CA GLN B 47 -3.87 16.06 8.94
C GLN B 47 -3.03 14.81 9.09
N GLU B 48 -3.51 13.87 9.91
CA GLU B 48 -2.80 12.62 10.20
C GLU B 48 -1.48 12.90 10.91
N VAL B 49 -1.45 13.93 11.73
CA VAL B 49 -0.35 14.11 12.67
C VAL B 49 -0.50 13.08 13.80
N ILE B 50 0.65 12.63 14.34
CA ILE B 50 0.65 11.70 15.49
C ILE B 50 1.57 12.34 16.52
N PRO B 51 1.56 11.89 17.77
CA PRO B 51 2.29 12.64 18.84
C PRO B 51 3.78 12.78 18.57
N PRO B 52 4.50 11.70 18.17
CA PRO B 52 5.94 11.89 17.87
C PRO B 52 6.17 12.82 16.70
N TYR B 53 5.22 12.89 15.76
CA TYR B 53 5.35 13.84 14.64
C TYR B 53 5.24 15.27 15.15
N CYS B 54 4.29 15.52 16.05
CA CYS B 54 4.18 16.83 16.69
CA CYS B 54 4.17 16.84 16.63
C CYS B 54 5.46 17.23 17.33
N ALA B 55 6.03 16.31 18.10
CA ALA B 55 7.27 16.59 18.79
C ALA B 55 8.35 16.96 17.81
N TYR B 56 8.39 16.25 16.70
CA TYR B 56 9.41 16.53 15.69
C TYR B 56 9.22 17.91 15.06
N LEU B 57 7.98 18.30 14.75
CA LEU B 57 7.68 19.67 14.26
C LEU B 57 8.15 20.73 15.24
N LYS B 58 8.06 20.42 16.53
CA LYS B 58 8.48 21.42 17.54
C LYS B 58 9.98 21.63 17.50
N LYS B 59 10.70 20.64 17.00
CA LYS B 59 12.14 20.83 16.93
C LYS B 59 12.56 21.41 15.58
N ARG B 60 11.90 21.00 14.50
CA ARG B 60 12.37 21.34 13.16
C ARG B 60 11.49 22.32 12.41
N ALA B 61 10.35 22.69 12.99
CA ALA B 61 9.53 23.79 12.49
C ALA B 61 9.24 24.73 13.61
N ALA B 62 10.31 25.06 14.37
CA ALA B 62 10.09 25.77 15.62
C ALA B 62 9.63 27.21 15.41
N SER B 63 9.68 27.76 14.19
CA SER B 63 9.16 29.10 13.98
C SER B 63 7.64 29.11 13.87
N TYR B 64 6.99 27.93 14.00
CA TYR B 64 5.55 27.85 14.08
C TYR B 64 5.10 27.49 15.49
N THR B 65 3.98 28.01 15.93
CA THR B 65 3.35 27.43 17.10
CA THR B 65 3.31 27.47 17.09
C THR B 65 2.31 26.42 16.62
N ILE B 66 2.13 25.35 17.39
CA ILE B 66 1.26 24.25 16.93
C ILE B 66 0.02 24.18 17.77
N ILE B 67 -1.16 24.12 17.12
CA ILE B 67 -2.45 23.88 17.80
C ILE B 67 -3.02 22.60 17.23
N THR B 68 -3.38 21.65 18.09
CA THR B 68 -3.78 20.33 17.56
C THR B 68 -5.26 20.05 17.80
N GLY B 69 -5.77 19.10 17.03
CA GLY B 69 -7.15 18.65 17.14
C GLY B 69 -7.37 17.56 18.18
N ASN B 70 -6.30 17.02 18.75
CA ASN B 70 -6.36 16.04 19.82
C ASN B 70 -4.94 15.88 20.33
N GLU B 71 -4.78 15.01 21.36
CA GLU B 71 -3.45 14.79 21.96
C GLU B 71 -2.94 13.38 21.73
N GLU B 72 -3.81 12.45 21.44
CA GLU B 72 -3.47 11.06 21.32
CA GLU B 72 -3.43 11.07 21.29
C GLU B 72 -4.00 10.54 20.00
N GLY B 73 -3.47 9.39 19.57
CA GLY B 73 -3.95 8.78 18.31
C GLY B 73 -3.40 9.53 17.10
N TYR B 74 -4.28 9.90 16.17
CA TYR B 74 -3.86 10.79 15.08
C TYR B 74 -4.88 11.92 14.94
N PHE B 75 -4.41 13.06 14.44
CA PHE B 75 -5.25 14.26 14.56
C PHE B 75 -4.74 15.30 13.58
N THR B 76 -5.47 16.40 13.53
CA THR B 76 -5.12 17.56 12.71
C THR B 76 -4.29 18.55 13.52
N ALA B 77 -3.67 19.46 12.79
CA ALA B 77 -3.00 20.59 13.46
C ALA B 77 -3.09 21.86 12.64
N ILE B 78 -3.04 23.01 13.31
CA ILE B 78 -2.89 24.29 12.64
C ILE B 78 -1.62 24.92 13.21
N LEU B 79 -0.71 25.28 12.32
CA LEU B 79 0.55 25.89 12.70
C LEU B 79 0.55 27.34 12.27
N LEU B 80 1.01 28.25 13.14
CA LEU B 80 0.93 29.67 12.91
C LEU B 80 2.33 30.22 12.94
N LYS B 81 2.72 30.98 11.91
CA LYS B 81 4.06 31.59 11.90
C LYS B 81 4.22 32.61 13.04
N LYS B 82 5.20 32.38 13.94
CA LYS B 82 5.46 33.37 14.98
C LYS B 82 5.92 34.70 14.41
N GLY B 83 5.46 35.77 15.04
CA GLY B 83 5.78 37.12 14.59
C GLY B 83 4.96 37.60 13.42
N ARG B 84 4.40 36.72 12.61
CA ARG B 84 3.54 37.17 11.53
C ARG B 84 2.08 37.07 11.93
N VAL B 85 1.67 35.93 12.48
CA VAL B 85 0.26 35.69 12.80
C VAL B 85 -0.01 36.06 14.25
N LYS B 86 -1.08 36.82 14.51
CA LYS B 86 -1.51 37.17 15.87
C LYS B 86 -2.68 36.25 16.27
N PHE B 87 -2.46 35.40 17.26
CA PHE B 87 -3.50 34.46 17.69
C PHE B 87 -4.56 35.18 18.52
N LYS B 88 -5.83 34.80 18.35
CA LYS B 88 -6.93 35.31 19.18
C LYS B 88 -7.62 34.24 19.99
N SER B 89 -8.00 33.10 19.38
CA SER B 89 -8.72 32.08 20.13
C SER B 89 -8.78 30.81 19.27
N GLN B 90 -9.06 29.68 19.90
CA GLN B 90 -9.25 28.43 19.15
C GLN B 90 -10.42 27.66 19.74
N GLU B 91 -11.01 26.76 18.95
CA GLU B 91 -12.07 25.90 19.45
C GLU B 91 -12.13 24.66 18.58
N ILE B 92 -12.60 23.56 19.17
CA ILE B 92 -12.71 22.28 18.46
C ILE B 92 -14.19 21.97 18.45
N ILE B 93 -14.75 21.76 17.27
CA ILE B 93 -16.15 21.38 17.15
C ILE B 93 -16.17 19.88 16.93
N PRO B 94 -16.84 19.10 17.77
CA PRO B 94 -16.82 17.64 17.62
C PRO B 94 -17.76 17.22 16.51
N PHE B 95 -17.47 16.03 15.98
CA PHE B 95 -18.38 15.33 15.06
C PHE B 95 -18.94 14.15 15.85
N PRO B 96 -20.14 14.24 16.40
CA PRO B 96 -20.56 13.19 17.36
C PRO B 96 -20.65 11.82 16.75
N ASN B 97 -20.78 11.71 15.43
CA ASN B 97 -20.97 10.38 14.86
C ASN B 97 -19.72 9.86 14.18
N THR B 98 -18.57 10.54 14.33
CA THR B 98 -17.38 10.00 13.70
C THR B 98 -16.97 8.66 14.31
N LYS B 99 -16.52 7.76 13.45
CA LYS B 99 -15.93 6.50 13.88
CA LYS B 99 -15.93 6.50 13.87
C LYS B 99 -14.42 6.56 13.85
N MET B 100 -13.85 7.74 13.58
CA MET B 100 -12.42 7.89 13.27
C MET B 100 -11.80 9.05 14.02
N MET B 101 -12.44 9.47 15.11
CA MET B 101 -11.94 10.57 15.94
C MET B 101 -11.83 11.88 15.14
N ARG B 102 -12.64 12.07 14.12
CA ARG B 102 -12.51 13.30 13.35
C ARG B 102 -13.24 14.46 14.03
N ASN B 103 -12.77 15.68 13.72
CA ASN B 103 -13.39 16.87 14.28
C ASN B 103 -12.99 18.10 13.44
N LEU B 104 -13.41 19.26 13.91
CA LEU B 104 -13.21 20.50 13.16
C LEU B 104 -12.46 21.46 14.07
N LEU B 105 -11.25 21.79 13.70
CA LEU B 105 -10.37 22.67 14.47
C LEU B 105 -10.47 24.07 13.88
N CYS B 106 -10.76 25.07 14.71
CA CYS B 106 -10.98 26.46 14.28
C CYS B 106 -10.06 27.37 15.06
N VAL B 107 -9.34 28.22 14.37
CA VAL B 107 -8.37 29.13 15.03
C VAL B 107 -8.61 30.53 14.47
N ASN B 108 -8.90 31.49 15.37
CA ASN B 108 -9.15 32.86 14.96
C ASN B 108 -7.87 33.64 15.19
N VAL B 109 -7.42 34.37 14.16
CA VAL B 109 -6.16 35.13 14.18
C VAL B 109 -6.35 36.45 13.47
N SER B 110 -5.38 37.38 13.61
CA SER B 110 -5.27 38.51 12.68
C SER B 110 -3.93 38.38 11.97
N LEU B 111 -3.89 38.84 10.72
CA LEU B 111 -2.72 38.75 9.85
C LEU B 111 -2.65 39.94 8.91
N GLY B 112 -1.59 40.74 9.00
CA GLY B 112 -1.49 41.89 8.13
C GLY B 112 -2.63 42.89 8.30
N GLY B 113 -3.20 42.97 9.50
CA GLY B 113 -4.33 43.86 9.70
C GLY B 113 -5.68 43.32 9.25
N ASN B 114 -5.84 41.99 9.11
CA ASN B 114 -7.13 41.39 8.77
C ASN B 114 -7.45 40.23 9.71
N GLU B 115 -8.75 40.06 10.03
CA GLU B 115 -9.23 38.98 10.88
C GLU B 115 -9.54 37.75 10.05
N PHE B 116 -9.11 36.60 10.54
CA PHE B 116 -9.34 35.32 9.88
C PHE B 116 -9.87 34.31 10.87
N CYS B 117 -10.77 33.44 10.39
CA CYS B 117 -11.13 32.23 11.09
C CYS B 117 -10.57 31.10 10.23
N LEU B 118 -9.52 30.42 10.72
CA LEU B 118 -8.84 29.32 10.02
C LEU B 118 -9.39 27.97 10.48
N MET B 119 -9.79 27.10 9.56
CA MET B 119 -10.39 25.85 10.00
C MET B 119 -9.79 24.66 9.26
N THR B 120 -9.67 23.51 9.94
CA THR B 120 -9.27 22.29 9.24
C THR B 120 -9.98 21.09 9.82
N SER B 121 -10.09 20.07 8.98
CA SER B 121 -10.63 18.81 9.39
C SER B 121 -10.02 17.76 8.49
N HIS B 122 -10.13 16.52 8.93
CA HIS B 122 -9.86 15.31 8.12
C HIS B 122 -11.21 14.63 8.12
N LEU B 123 -12.08 14.93 7.11
CA LEU B 123 -13.44 14.39 7.16
C LEU B 123 -13.38 12.85 7.10
N GLU B 124 -14.43 12.21 7.59
CA GLU B 124 -14.52 10.77 7.57
C GLU B 124 -14.07 10.18 6.22
N SER B 125 -13.19 9.17 6.30
CA SER B 125 -12.57 8.51 5.15
C SER B 125 -13.34 7.28 4.67
N THR B 126 -13.07 6.90 3.40
CA THR B 126 -13.47 5.67 2.69
C THR B 126 -14.83 5.81 2.04
N ARG B 127 -15.07 4.99 1.02
CA ARG B 127 -16.36 5.03 0.37
C ARG B 127 -17.47 4.58 1.30
N GLY B 128 -17.18 3.62 2.17
CA GLY B 128 -18.16 3.06 3.06
C GLY B 128 -18.71 4.04 4.06
N HIS B 129 -17.97 5.15 4.34
CA HIS B 129 -18.41 6.17 5.29
CA HIS B 129 -18.47 6.14 5.28
C HIS B 129 -18.90 7.44 4.59
N SER B 130 -19.29 7.34 3.31
CA SER B 130 -19.73 8.50 2.54
C SER B 130 -20.84 9.30 3.26
N ALA B 131 -21.89 8.62 3.78
CA ALA B 131 -22.98 9.40 4.37
C ALA B 131 -22.50 10.23 5.56
N GLU B 132 -21.60 9.67 6.41
CA GLU B 132 -21.08 10.45 7.55
C GLU B 132 -20.19 11.58 7.08
N ARG B 133 -19.40 11.35 6.02
CA ARG B 133 -18.55 12.41 5.47
C ARG B 133 -19.41 13.57 4.95
N ILE B 134 -20.54 13.25 4.31
CA ILE B 134 -21.39 14.32 3.81
C ILE B 134 -22.01 15.10 4.97
N ARG B 135 -22.41 14.41 6.04
CA ARG B 135 -22.95 15.12 7.20
C ARG B 135 -21.91 16.00 7.85
N GLN B 136 -20.67 15.54 7.88
CA GLN B 136 -19.61 16.40 8.42
C GLN B 136 -19.33 17.60 7.52
N LEU B 137 -19.24 17.39 6.21
CA LEU B 137 -19.19 18.57 5.32
C LEU B 137 -20.28 19.59 5.64
N LYS B 138 -21.56 19.14 5.80
CA LYS B 138 -22.65 20.06 6.11
C LYS B 138 -22.34 20.83 7.39
N THR B 139 -21.80 20.13 8.40
CA THR B 139 -21.41 20.82 9.64
C THR B 139 -20.33 21.88 9.37
N VAL B 140 -19.32 21.51 8.58
CA VAL B 140 -18.23 22.44 8.26
C VAL B 140 -18.77 23.69 7.55
N LEU B 141 -19.60 23.49 6.53
CA LEU B 141 -20.12 24.65 5.79
C LEU B 141 -20.98 25.54 6.67
N GLY B 142 -21.83 24.95 7.55
CA GLY B 142 -22.60 25.74 8.48
C GLY B 142 -21.72 26.61 9.38
N LYS B 143 -20.69 26.00 9.96
CA LYS B 143 -19.76 26.74 10.83
C LYS B 143 -19.04 27.84 10.05
N MET B 144 -18.74 27.62 8.77
CA MET B 144 -18.13 28.73 7.98
C MET B 144 -19.10 29.90 7.90
N GLN B 145 -20.39 29.62 7.79
CA GLN B 145 -21.40 30.66 7.70
CA GLN B 145 -21.37 30.68 7.67
C GLN B 145 -21.58 31.42 8.99
N GLU B 146 -21.18 30.84 10.12
CA GLU B 146 -21.44 31.45 11.41
C GLU B 146 -20.51 32.60 11.74
N ALA B 147 -19.30 32.64 11.19
CA ALA B 147 -18.36 33.67 11.56
C ALA B 147 -18.90 35.05 11.23
N PRO B 148 -18.41 36.09 11.94
CA PRO B 148 -18.85 37.47 11.63
C PRO B 148 -18.49 37.87 10.21
N ASP B 149 -19.29 38.78 9.66
CA ASP B 149 -19.19 39.12 8.24
C ASP B 149 -17.86 39.79 7.90
N SER B 150 -17.21 40.39 8.89
CA SER B 150 -15.95 41.09 8.71
C SER B 150 -14.72 40.19 8.84
N THR B 151 -14.91 38.94 9.30
CA THR B 151 -13.86 37.93 9.34
C THR B 151 -13.87 37.13 8.03
N THR B 152 -12.69 36.93 7.49
CA THR B 152 -12.47 36.00 6.38
C THR B 152 -12.31 34.58 6.90
N VAL B 153 -13.08 33.64 6.34
CA VAL B 153 -13.06 32.26 6.78
C VAL B 153 -12.33 31.45 5.71
N ILE B 154 -11.40 30.63 6.16
CA ILE B 154 -10.61 29.76 5.30
C ILE B 154 -10.65 28.39 5.89
N PHE B 155 -11.23 27.44 5.14
CA PHE B 155 -11.15 26.04 5.48
C PHE B 155 -10.18 25.41 4.48
N ALA B 156 -9.19 24.68 5.00
CA ALA B 156 -8.33 23.87 4.16
C ALA B 156 -8.14 22.53 4.85
N GLY B 157 -8.34 21.42 4.14
CA GLY B 157 -8.12 20.15 4.81
C GLY B 157 -8.33 18.99 3.87
N ASP B 158 -8.30 17.78 4.44
CA ASP B 158 -8.43 16.54 3.67
C ASP B 158 -9.91 16.21 3.81
N THR B 159 -10.68 16.53 2.76
CA THR B 159 -12.11 16.31 2.83
C THR B 159 -12.50 14.91 2.42
N ASN B 160 -11.59 14.18 1.75
CA ASN B 160 -11.91 12.84 1.27
C ASN B 160 -13.09 12.88 0.28
N LEU B 161 -13.42 14.05 -0.23
CA LEU B 161 -14.64 14.20 -1.04
C LEU B 161 -14.44 13.64 -2.43
N ARG B 162 -15.54 13.11 -2.97
CA ARG B 162 -15.72 12.92 -4.39
C ARG B 162 -16.74 13.96 -4.85
N ASP B 163 -16.53 14.46 -6.08
CA ASP B 163 -17.41 15.46 -6.65
C ASP B 163 -18.88 15.07 -6.50
N ARG B 164 -19.20 13.79 -6.73
CA ARG B 164 -20.61 13.40 -6.62
C ARG B 164 -21.19 13.64 -5.21
N GLU B 165 -20.34 13.65 -4.17
CA GLU B 165 -20.78 13.87 -2.78
C GLU B 165 -21.05 15.32 -2.45
N VAL B 166 -20.34 16.25 -3.09
CA VAL B 166 -20.64 17.66 -2.85
C VAL B 166 -22.00 17.99 -3.40
N ILE B 167 -22.35 17.39 -4.55
CA ILE B 167 -23.69 17.59 -5.12
C ILE B 167 -24.73 17.04 -4.14
N LYS B 168 -24.53 15.80 -3.73
CA LYS B 168 -25.46 15.17 -2.80
C LYS B 168 -25.61 16.01 -1.51
N CYS B 169 -24.54 16.64 -1.07
CA CYS B 169 -24.62 17.46 0.12
C CYS B 169 -25.49 18.71 -0.13
N GLY B 170 -25.78 19.05 -1.39
CA GLY B 170 -26.46 20.28 -1.74
C GLY B 170 -25.54 21.36 -2.32
N GLY B 171 -24.25 21.07 -2.46
CA GLY B 171 -23.29 21.95 -3.11
C GLY B 171 -22.76 22.98 -2.13
N LEU B 172 -21.71 23.68 -2.55
CA LEU B 172 -21.24 24.79 -1.70
C LEU B 172 -22.27 25.90 -1.69
N PRO B 173 -22.42 26.61 -0.56
CA PRO B 173 -23.40 27.70 -0.52
C PRO B 173 -22.96 28.90 -1.36
N ASP B 174 -23.84 29.87 -1.47
CA ASP B 174 -23.63 30.92 -2.47
C ASP B 174 -22.55 31.89 -2.05
N ASN B 175 -22.05 31.79 -0.83
CA ASN B 175 -20.94 32.65 -0.40
C ASN B 175 -19.73 31.85 0.03
N VAL B 176 -19.61 30.57 -0.34
CA VAL B 176 -18.42 29.78 -0.05
C VAL B 176 -17.89 29.22 -1.36
N PHE B 177 -16.60 29.38 -1.57
CA PHE B 177 -15.96 29.11 -2.84
C PHE B 177 -14.78 28.18 -2.66
N ASP B 178 -14.65 27.26 -3.61
CA ASP B 178 -13.51 26.36 -3.68
C ASP B 178 -12.35 27.09 -4.36
N ALA B 179 -11.16 27.16 -3.74
CA ALA B 179 -10.11 27.97 -4.34
C ALA B 179 -9.63 27.41 -5.66
N TRP B 180 -9.60 26.07 -5.81
CA TRP B 180 -9.16 25.49 -7.08
C TRP B 180 -10.18 25.83 -8.19
N GLU B 181 -11.48 25.71 -7.89
CA GLU B 181 -12.48 26.09 -8.87
C GLU B 181 -12.36 27.57 -9.21
N PHE B 182 -12.18 28.41 -8.20
CA PHE B 182 -12.09 29.84 -8.41
C PHE B 182 -10.95 30.21 -9.33
N LEU B 183 -9.79 29.54 -9.17
CA LEU B 183 -8.66 29.79 -10.05
C LEU B 183 -8.82 29.15 -11.40
N GLY B 184 -10.00 28.65 -11.76
CA GLY B 184 -10.15 28.15 -13.12
C GLY B 184 -9.80 26.68 -13.30
N LYS B 185 -9.86 25.88 -12.23
CA LYS B 185 -9.53 24.46 -12.30
C LYS B 185 -8.22 24.13 -12.99
N PRO B 186 -7.11 24.69 -12.56
CA PRO B 186 -5.83 24.41 -13.22
C PRO B 186 -5.46 22.92 -13.11
N LYS B 187 -5.07 22.35 -14.24
CA LYS B 187 -4.82 20.90 -14.32
C LYS B 187 -3.58 20.50 -13.53
N HIS B 188 -2.62 21.40 -13.42
CA HIS B 188 -1.37 21.00 -12.78
C HIS B 188 -1.51 20.70 -11.29
N CYS B 189 -2.55 21.16 -10.60
CA CYS B 189 -2.71 20.83 -9.18
C CYS B 189 -4.10 20.27 -8.91
N GLN B 190 -4.70 19.65 -9.92
CA GLN B 190 -6.05 19.14 -9.76
C GLN B 190 -6.09 18.01 -8.72
N TYR B 191 -5.35 16.93 -8.97
CA TYR B 191 -5.42 15.75 -8.09
C TYR B 191 -4.41 15.82 -6.96
N THR B 192 -4.84 15.52 -5.74
CA THR B 192 -3.93 15.54 -4.58
C THR B 192 -3.70 14.14 -4.01
N TRP B 193 -4.35 13.14 -4.59
CA TRP B 193 -4.17 11.74 -4.15
C TRP B 193 -4.16 10.98 -5.47
N ASP B 194 -2.98 10.55 -5.91
CA ASP B 194 -2.81 10.06 -7.28
C ASP B 194 -1.91 8.82 -7.17
N THR B 195 -2.52 7.62 -7.30
CA THR B 195 -1.75 6.39 -7.08
C THR B 195 -0.92 6.01 -8.30
N LYS B 196 -1.07 6.68 -9.44
CA LYS B 196 -0.13 6.46 -10.54
C LYS B 196 1.14 7.26 -10.32
N ALA B 197 1.01 8.50 -9.86
CA ALA B 197 2.15 9.37 -9.73
C ALA B 197 2.82 9.21 -8.36
N ASN B 198 2.11 8.66 -7.36
CA ASN B 198 2.60 8.59 -6.00
C ASN B 198 2.61 7.13 -5.62
N ASN B 199 3.77 6.64 -5.22
CA ASN B 199 3.95 5.21 -4.93
C ASN B 199 3.94 4.86 -3.44
N ASN B 200 3.60 5.80 -2.53
CA ASN B 200 3.79 5.53 -1.11
C ASN B 200 2.93 4.41 -0.59
N LEU B 201 1.73 4.17 -1.16
CA LEU B 201 0.90 3.07 -0.67
C LEU B 201 1.06 1.78 -1.46
N ARG B 202 1.69 1.85 -2.63
CA ARG B 202 1.90 0.66 -3.48
C ARG B 202 0.57 0.07 -3.94
N ILE B 203 -0.40 0.93 -4.17
CA ILE B 203 -1.73 0.55 -4.70
C ILE B 203 -1.65 0.16 -6.18
N PRO B 204 -2.04 -1.05 -6.59
CA PRO B 204 -1.87 -1.43 -8.00
C PRO B 204 -2.73 -0.60 -8.98
N ALA B 205 -3.80 0.02 -8.56
CA ALA B 205 -4.84 0.47 -9.46
C ALA B 205 -4.75 1.97 -9.62
N ALA B 206 -4.90 2.47 -10.85
CA ALA B 206 -4.89 3.92 -11.12
C ALA B 206 -6.04 4.63 -10.40
N CYS B 207 -5.73 5.66 -9.67
CA CYS B 207 -6.79 6.41 -9.01
C CYS B 207 -6.26 7.82 -8.88
N LYS B 208 -7.06 8.80 -9.27
CA LYS B 208 -6.69 10.22 -9.11
C LYS B 208 -7.89 10.97 -8.54
N LEU B 209 -7.75 11.51 -7.33
CA LEU B 209 -8.86 12.15 -6.68
C LEU B 209 -8.37 13.44 -6.08
N ARG B 210 -9.30 14.34 -5.87
CA ARG B 210 -9.01 15.65 -5.27
C ARG B 210 -9.56 15.71 -3.84
N PHE B 211 -8.90 14.99 -2.93
CA PHE B 211 -9.38 14.89 -1.57
C PHE B 211 -9.16 16.20 -0.82
N ASP B 212 -8.05 16.86 -1.13
CA ASP B 212 -7.62 17.97 -0.31
C ASP B 212 -8.16 19.24 -0.96
N ARG B 213 -8.86 20.07 -0.16
CA ARG B 213 -9.56 21.18 -0.78
C ARG B 213 -9.54 22.35 0.16
N ILE B 214 -9.68 23.51 -0.47
CA ILE B 214 -9.70 24.82 0.19
C ILE B 214 -11.01 25.53 -0.13
N PHE B 215 -11.71 25.97 0.92
CA PHE B 215 -12.95 26.71 0.83
C PHE B 215 -12.75 28.03 1.52
N PHE B 216 -13.28 29.10 0.93
CA PHE B 216 -13.22 30.39 1.61
C PHE B 216 -14.56 31.13 1.51
N ARG B 217 -14.79 31.97 2.53
CA ARG B 217 -15.91 32.88 2.64
C ARG B 217 -15.34 34.27 2.91
N ALA B 218 -15.67 35.24 2.07
CA ALA B 218 -15.19 36.59 2.33
C ALA B 218 -16.19 37.61 1.80
N GLU B 219 -16.16 38.82 2.39
CA GLU B 219 -16.95 39.91 1.81
C GLU B 219 -16.66 39.99 0.31
N GLU B 220 -17.74 40.02 -0.48
CA GLU B 220 -17.74 39.98 -1.94
C GLU B 220 -16.60 40.81 -2.52
N GLY B 221 -15.72 40.15 -3.26
CA GLY B 221 -14.60 40.80 -3.92
C GLY B 221 -13.44 41.16 -3.03
N HIS B 222 -13.46 40.75 -1.77
CA HIS B 222 -12.36 41.10 -0.88
C HIS B 222 -11.30 40.01 -0.73
N LEU B 223 -11.59 38.76 -1.05
CA LEU B 223 -10.59 37.69 -0.98
C LEU B 223 -10.35 37.21 -2.38
N ILE B 224 -9.11 37.26 -2.84
CA ILE B 224 -8.86 36.92 -4.24
C ILE B 224 -7.72 35.92 -4.29
N PRO B 225 -7.98 34.64 -4.53
CA PRO B 225 -6.88 33.67 -4.70
C PRO B 225 -5.93 34.13 -5.76
N GLN B 226 -4.65 34.04 -5.46
CA GLN B 226 -3.59 34.38 -6.41
C GLN B 226 -3.00 33.15 -7.09
N SER B 227 -2.77 32.06 -6.36
CA SER B 227 -2.14 30.88 -6.96
C SER B 227 -2.43 29.68 -6.10
N LEU B 228 -2.31 28.50 -6.72
CA LEU B 228 -2.46 27.23 -6.08
C LEU B 228 -1.45 26.27 -6.74
N ASP B 229 -0.67 25.55 -5.93
CA ASP B 229 0.38 24.66 -6.43
C ASP B 229 0.48 23.42 -5.55
N LEU B 230 0.90 22.29 -6.14
CA LEU B 230 1.15 21.08 -5.38
C LEU B 230 2.49 21.21 -4.70
N VAL B 231 2.59 20.65 -3.50
CA VAL B 231 3.92 20.53 -2.84
C VAL B 231 4.12 19.07 -2.40
N GLY B 232 5.37 18.73 -2.07
CA GLY B 232 5.67 17.34 -1.76
C GLY B 232 5.87 16.42 -2.94
N LEU B 233 6.23 16.94 -4.10
CA LEU B 233 6.38 16.11 -5.28
C LEU B 233 7.80 15.59 -5.49
N GLU B 234 8.76 15.94 -4.65
CA GLU B 234 10.12 15.42 -4.85
C GLU B 234 10.34 14.15 -4.03
N LYS B 235 10.83 13.11 -4.69
CA LYS B 235 11.15 11.89 -3.97
C LYS B 235 12.27 12.16 -2.98
N LEU B 236 12.20 11.55 -1.81
CA LEU B 236 13.28 11.68 -0.82
C LEU B 236 14.37 10.61 -1.05
N ASP B 237 15.41 10.63 -0.20
CA ASP B 237 16.52 9.67 -0.38
C ASP B 237 16.05 8.22 -0.36
N CYS B 238 15.04 7.90 0.46
CA CYS B 238 14.49 6.54 0.50
C CYS B 238 13.68 6.18 -0.72
N GLY B 239 13.50 7.09 -1.66
CA GLY B 239 12.79 6.76 -2.88
C GLY B 239 11.29 6.85 -2.75
N ARG B 240 10.77 7.34 -1.63
CA ARG B 240 9.34 7.56 -1.48
C ARG B 240 9.10 9.05 -1.25
N PHE B 241 7.83 9.45 -1.22
CA PHE B 241 7.51 10.85 -1.04
C PHE B 241 7.28 11.15 0.43
N PRO B 242 7.14 12.42 0.81
CA PRO B 242 6.76 12.74 2.19
C PRO B 242 5.45 12.16 2.62
N SER B 243 4.50 11.98 1.72
CA SER B 243 3.20 11.45 2.11
C SER B 243 2.62 10.77 0.88
N ASP B 244 1.55 10.00 1.09
CA ASP B 244 0.76 9.54 -0.06
C ASP B 244 -0.12 10.63 -0.67
N HIS B 245 -0.31 11.78 0.00
CA HIS B 245 -1.01 12.94 -0.56
C HIS B 245 0.03 13.97 -1.01
N TRP B 246 -0.29 14.69 -2.06
CA TRP B 246 0.36 15.96 -2.33
C TRP B 246 -0.24 16.97 -1.38
N GLY B 247 0.58 17.92 -0.98
CA GLY B 247 0.09 19.09 -0.31
C GLY B 247 -0.28 20.20 -1.28
N LEU B 248 -1.05 21.17 -0.78
CA LEU B 248 -1.48 22.32 -1.55
C LEU B 248 -0.86 23.56 -0.94
N LEU B 249 -0.21 24.37 -1.77
CA LEU B 249 0.29 25.69 -1.41
C LEU B 249 -0.56 26.78 -2.07
N CYS B 250 -1.13 27.69 -1.27
CA CYS B 250 -2.10 28.65 -1.77
C CYS B 250 -1.71 30.02 -1.29
N THR B 251 -1.79 30.99 -2.20
CA THR B 251 -1.67 32.40 -1.84
C THR B 251 -2.99 33.10 -2.17
N LEU B 252 -3.45 33.92 -1.23
CA LEU B 252 -4.67 34.69 -1.37
C LEU B 252 -4.32 36.13 -1.06
N ASN B 253 -4.96 37.05 -1.77
CA ASN B 253 -4.87 38.46 -1.40
C ASN B 253 -6.19 38.94 -0.85
N VAL B 254 -6.13 39.72 0.22
CA VAL B 254 -7.31 40.18 0.93
C VAL B 254 -7.20 41.69 0.92
N VAL B 255 -8.23 42.35 0.43
CA VAL B 255 -8.22 43.81 0.51
C VAL B 255 -8.68 44.21 1.91
N LEU B 256 -8.08 45.28 2.43
CA LEU B 256 -8.38 45.72 3.78
C LEU B 256 -9.59 46.65 3.73
#